data_6AN6
#
_entry.id   6AN6
#
_cell.length_a   36.670
_cell.length_b   52.924
_cell.length_c   77.430
_cell.angle_alpha   90.00
_cell.angle_beta   103.42
_cell.angle_gamma   90.00
#
_symmetry.space_group_name_H-M   'P 1 21 1'
#
loop_
_entity.id
_entity.type
_entity.pdbx_description
1 polymer '2-amino-4-hydroxy-6-hydroxymethyldihydropteridine pyrophosphokinase'
2 non-polymer "5'-S-{2-[{2-[(2-amino-7,7-dimethyl-4-oxo-3,4,7,8-tetrahydropteridine-6-carbonyl)amino]ethyl}(phosphonomethyl)amino]ethyl}-5'-thioadenosine"
3 water water
#
_entity_poly.entity_id   1
_entity_poly.type   'polypeptide(L)'
_entity_poly.pdbx_seq_one_letter_code
;TVAYIAIGSNLASPLEQVNAALKALGDIPESHILTVSSFYRTPPLGPQDQPDYLNAAVALETSLAPEELLNHTQRIELQQ
GRVRKAERWGPRTLDLDIMLFGNEVINTERLTVPHYDMKNRGFMLWPLFEIAPELVFPDGEMLRQILHTRAFDKLNKW
;
_entity_poly.pdbx_strand_id   A,B
#
loop_
_chem_comp.id
_chem_comp.type
_chem_comp.name
_chem_comp.formula
J1I non-polymer 5'-S-{2-[{2-[(2-amino-7,7-dimethyl-4-oxo-3,4,7,8-tetrahydropteridine-6-carbonyl)amino]ethyl}(phosphonomethyl)amino]ethyl}-5'-thioadenosine 'C24 H35 N12 O8 P S'
#
# COMPACT_ATOMS: atom_id res chain seq x y z
N THR A 1 -1.11 5.98 2.31
CA THR A 1 -0.16 5.63 1.20
C THR A 1 0.85 6.73 0.98
N VAL A 2 2.13 6.38 1.06
CA VAL A 2 3.17 7.30 0.66
C VAL A 2 3.41 7.12 -0.82
N ALA A 3 3.06 8.15 -1.60
CA ALA A 3 3.41 8.22 -3.01
C ALA A 3 4.67 9.07 -3.15
N TYR A 4 5.62 8.58 -3.95
CA TYR A 4 6.82 9.36 -4.28
C TYR A 4 6.71 9.91 -5.70
N ILE A 5 6.91 11.22 -5.82
CA ILE A 5 6.69 11.93 -7.07
C ILE A 5 7.95 12.65 -7.53
N ALA A 6 8.29 12.46 -8.80
CA ALA A 6 9.44 13.15 -9.39
C ALA A 6 9.01 14.45 -10.06
N ILE A 7 9.75 15.52 -9.78
CA ILE A 7 9.46 16.81 -10.35
C ILE A 7 10.58 17.22 -11.30
N GLY A 8 10.18 17.72 -12.47
CA GLY A 8 11.12 18.22 -13.46
C GLY A 8 10.60 19.49 -14.11
N SER A 9 11.51 20.43 -14.31
CA SER A 9 11.30 21.64 -15.08
C SER A 9 12.63 21.97 -15.77
N ASN A 10 12.58 22.30 -17.06
CA ASN A 10 13.80 22.66 -17.79
C ASN A 10 13.85 24.12 -18.22
N LEU A 11 12.97 24.95 -17.67
CA LEU A 11 13.09 26.38 -17.92
C LEU A 11 14.50 26.85 -17.58
N ALA A 12 14.92 27.99 -18.13
CA ALA A 12 16.12 28.63 -17.64
C ALA A 12 15.92 29.09 -16.20
N SER A 13 14.67 29.45 -15.87
CA SER A 13 14.30 29.87 -14.51
C SER A 13 13.09 29.06 -13.97
N PRO A 14 13.34 27.82 -13.50
CA PRO A 14 12.37 26.85 -12.99
C PRO A 14 12.06 26.92 -11.50
N LEU A 15 12.83 27.68 -10.72
CA LEU A 15 12.64 27.72 -9.26
C LEU A 15 11.22 28.15 -8.90
N GLU A 16 10.71 29.16 -9.58
CA GLU A 16 9.36 29.66 -9.33
C GLU A 16 8.33 28.60 -9.73
N GLN A 17 8.61 27.93 -10.84
CA GLN A 17 7.75 26.88 -11.33
C GLN A 17 7.68 25.66 -10.38
N VAL A 18 8.83 25.21 -9.91
CA VAL A 18 8.89 24.07 -8.99
C VAL A 18 8.21 24.38 -7.65
N ASN A 19 8.38 25.60 -7.16
CA ASN A 19 7.75 26.01 -5.90
C ASN A 19 6.23 26.11 -6.03
N ALA A 20 5.76 26.62 -7.17
CA ALA A 20 4.33 26.66 -7.44
C ALA A 20 3.79 25.24 -7.50
N ALA A 21 4.58 24.33 -8.04
CA ALA A 21 4.19 22.92 -8.12
C ALA A 21 4.08 22.27 -6.75
N LEU A 22 5.00 22.60 -5.84
CA LEU A 22 5.04 21.96 -4.54
C LEU A 22 3.86 22.44 -3.72
N LYS A 23 3.43 23.67 -3.95
CA LYS A 23 2.25 24.17 -3.23
C LYS A 23 0.99 23.50 -3.78
N ALA A 24 0.93 23.31 -5.10
CA ALA A 24 -0.23 22.65 -5.72
C ALA A 24 -0.33 21.18 -5.28
N LEU A 25 0.81 20.50 -5.23
CA LEU A 25 0.88 19.15 -4.71
C LEU A 25 0.30 19.14 -3.30
N GLY A 26 0.67 20.15 -2.52
CA GLY A 26 0.21 20.28 -1.15
C GLY A 26 -1.27 20.54 -1.04
N ASP A 27 -1.86 21.18 -2.06
CA ASP A 27 -3.29 21.51 -2.09
C ASP A 27 -4.17 20.38 -2.64
N ILE A 28 -3.56 19.28 -3.08
CA ILE A 28 -4.34 18.13 -3.55
C ILE A 28 -5.21 17.60 -2.40
N PRO A 29 -6.47 17.24 -2.67
CA PRO A 29 -7.34 16.78 -1.59
C PRO A 29 -6.78 15.56 -0.85
N GLU A 30 -6.98 15.50 0.47
CA GLU A 30 -6.57 14.32 1.26
C GLU A 30 -5.12 13.98 1.05
N SER A 31 -4.31 15.01 0.79
CA SER A 31 -2.89 14.80 0.57
C SER A 31 -2.06 15.94 1.10
N HIS A 32 -0.87 15.61 1.58
CA HIS A 32 0.06 16.66 1.99
C HIS A 32 1.48 16.16 1.85
N ILE A 33 2.39 17.10 1.62
CA ILE A 33 3.80 16.79 1.52
C ILE A 33 4.33 16.38 2.90
N LEU A 34 4.98 15.21 2.93
CA LEU A 34 5.77 14.74 4.08
C LEU A 34 7.19 15.29 4.01
N THR A 35 7.82 15.17 2.84
CA THR A 35 9.21 15.58 2.66
C THR A 35 9.51 16.01 1.25
N VAL A 36 10.54 16.85 1.14
CA VAL A 36 11.05 17.31 -0.14
C VAL A 36 12.56 17.14 -0.19
N SER A 37 13.04 16.55 -1.28
CA SER A 37 14.45 16.42 -1.54
C SER A 37 15.06 17.77 -1.84
N SER A 38 16.38 17.82 -1.91
CA SER A 38 17.06 19.01 -2.37
C SER A 38 16.71 19.20 -3.84
N PHE A 39 16.95 20.40 -4.36
CA PHE A 39 16.79 20.67 -5.79
C PHE A 39 18.12 20.42 -6.49
N TYR A 40 18.08 19.74 -7.62
CA TYR A 40 19.28 19.37 -8.36
C TYR A 40 19.30 19.91 -9.80
N ARG A 41 20.48 20.31 -10.23
CA ARG A 41 20.69 20.72 -11.60
C ARG A 41 21.30 19.57 -12.39
N THR A 42 20.54 19.01 -13.30
CA THR A 42 20.93 17.83 -14.05
C THR A 42 21.02 18.11 -15.54
N PRO A 43 21.97 17.45 -16.23
CA PRO A 43 21.95 17.61 -17.68
C PRO A 43 20.84 16.79 -18.28
N PRO A 44 20.16 17.32 -19.30
CA PRO A 44 18.97 16.59 -19.77
C PRO A 44 19.30 15.24 -20.41
N LEU A 45 18.43 14.27 -20.19
CA LEU A 45 18.44 13.00 -20.87
C LEU A 45 17.82 13.22 -22.24
N GLY A 46 18.63 13.18 -23.30
CA GLY A 46 18.15 13.42 -24.65
C GLY A 46 19.01 14.42 -25.41
N PRO A 47 18.44 15.05 -26.46
CA PRO A 47 19.15 16.14 -27.16
C PRO A 47 19.64 17.19 -26.18
N GLN A 48 20.93 17.53 -26.27
CA GLN A 48 21.57 18.40 -25.30
C GLN A 48 21.41 19.86 -25.70
N ASP A 49 20.50 20.12 -26.63
CA ASP A 49 20.12 21.47 -26.99
C ASP A 49 19.28 22.14 -25.90
N GLN A 50 18.41 21.38 -25.24
CA GLN A 50 17.53 22.00 -24.23
C GLN A 50 18.28 22.27 -22.93
N PRO A 51 17.80 23.27 -22.15
CA PRO A 51 18.47 23.68 -20.91
C PRO A 51 18.57 22.56 -19.89
N ASP A 52 19.34 22.81 -18.84
CA ASP A 52 19.45 21.87 -17.72
C ASP A 52 18.14 21.79 -17.00
N TYR A 53 17.87 20.61 -16.46
CA TYR A 53 16.68 20.39 -15.67
C TYR A 53 16.91 20.73 -14.21
N LEU A 54 15.87 21.20 -13.56
CA LEU A 54 15.78 21.18 -12.12
C LEU A 54 14.99 19.93 -11.74
N ASN A 55 15.63 19.01 -11.04
CA ASN A 55 14.98 17.76 -10.62
C ASN A 55 14.94 17.66 -9.11
N ALA A 56 13.87 17.08 -8.60
CA ALA A 56 13.72 16.86 -7.17
C ALA A 56 12.69 15.77 -6.93
N ALA A 57 12.66 15.25 -5.71
CA ALA A 57 11.74 14.20 -5.33
C ALA A 57 10.86 14.68 -4.19
N VAL A 58 9.68 14.08 -4.08
CA VAL A 58 8.71 14.45 -3.06
C VAL A 58 7.98 13.25 -2.53
N ALA A 59 7.98 13.12 -1.20
CA ALA A 59 7.15 12.17 -0.49
C ALA A 59 5.81 12.79 -0.24
N LEU A 60 4.76 12.18 -0.79
CA LEU A 60 3.40 12.67 -0.61
C LEU A 60 2.56 11.63 0.12
N GLU A 61 2.01 12.03 1.27
CA GLU A 61 1.01 11.23 1.97
C GLU A 61 -0.34 11.47 1.28
N THR A 62 -1.08 10.42 0.94
CA THR A 62 -2.39 10.57 0.31
C THR A 62 -3.32 9.42 0.63
N SER A 63 -4.62 9.71 0.66
CA SER A 63 -5.65 8.69 0.78
C SER A 63 -6.32 8.47 -0.59
N LEU A 64 -5.79 9.12 -1.60
CA LEU A 64 -6.35 9.00 -2.95
C LEU A 64 -5.97 7.68 -3.62
N ALA A 65 -6.84 7.27 -4.53
CA ALA A 65 -6.52 6.18 -5.45
C ALA A 65 -5.43 6.65 -6.42
N PRO A 66 -4.58 5.73 -6.92
CA PRO A 66 -3.43 6.12 -7.75
C PRO A 66 -3.82 6.88 -9.02
N GLU A 67 -4.88 6.45 -9.68
CA GLU A 67 -5.32 7.10 -10.92
C GLU A 67 -5.91 8.48 -10.62
N GLU A 68 -6.49 8.63 -9.43
CA GLU A 68 -7.05 9.91 -9.01
C GLU A 68 -5.93 10.91 -8.76
N LEU A 69 -4.87 10.44 -8.10
CA LEU A 69 -3.69 11.24 -7.86
C LEU A 69 -3.11 11.66 -9.21
N LEU A 70 -3.14 10.75 -10.18
CA LEU A 70 -2.61 11.05 -11.51
C LEU A 70 -3.38 12.19 -12.20
N ASN A 71 -4.71 12.14 -12.10
CA ASN A 71 -5.54 13.22 -12.62
C ASN A 71 -5.08 14.56 -12.03
N HIS A 72 -4.89 14.59 -10.71
CA HIS A 72 -4.39 15.79 -10.05
C HIS A 72 -3.02 16.22 -10.56
N THR A 73 -2.09 15.30 -10.74
CA THR A 73 -0.74 15.68 -11.21
C THR A 73 -0.80 16.22 -12.63
N GLN A 74 -1.66 15.63 -13.45
CA GLN A 74 -1.82 16.09 -14.83
C GLN A 74 -2.54 17.45 -14.92
N ARG A 75 -3.50 17.69 -14.02
CA ARG A 75 -4.17 18.98 -13.93
C ARG A 75 -3.15 20.10 -13.62
N ILE A 76 -2.31 19.86 -12.61
CA ILE A 76 -1.26 20.81 -12.23
C ILE A 76 -0.32 21.09 -13.40
N GLU A 77 0.19 20.05 -14.04
CA GLU A 77 0.97 20.20 -15.27
C GLU A 77 0.25 21.03 -16.32
N LEU A 78 -1.08 20.92 -16.39
CA LEU A 78 -1.87 21.81 -17.25
C LEU A 78 -1.93 23.24 -16.72
N GLN A 79 -2.16 23.41 -15.43
CA GLN A 79 -2.36 24.72 -14.82
C GLN A 79 -1.04 25.48 -14.57
N GLN A 80 -0.11 24.86 -13.85
CA GLN A 80 1.16 25.52 -13.50
C GLN A 80 2.21 25.29 -14.56
N GLY A 81 1.90 24.38 -15.49
CA GLY A 81 2.90 23.82 -16.38
C GLY A 81 3.52 24.77 -17.34
N ARG A 82 2.69 25.60 -17.94
CA ARG A 82 3.19 26.54 -18.92
C ARG A 82 3.33 27.89 -18.23
N VAL A 83 4.17 28.74 -18.82
CA VAL A 83 4.27 30.11 -18.36
C VAL A 83 4.32 31.05 -19.55
N ARG A 84 3.79 32.23 -19.31
CA ARG A 84 3.64 33.26 -20.33
C ARG A 84 4.93 33.89 -20.81
N LYS A 85 5.10 33.91 -22.12
CA LYS A 85 5.99 34.85 -22.77
C LYS A 85 5.01 35.94 -23.32
N ALA A 86 5.49 37.11 -23.74
CA ALA A 86 4.60 38.23 -24.09
C ALA A 86 3.59 37.95 -25.23
N GLU A 87 4.08 37.33 -26.31
CA GLU A 87 3.25 36.86 -27.42
C GLU A 87 2.12 35.86 -27.13
N ARG A 88 2.49 34.75 -26.51
CA ARG A 88 1.65 33.55 -26.42
C ARG A 88 2.05 32.84 -25.13
N TRP A 89 1.44 31.70 -24.85
CA TRP A 89 1.95 30.85 -23.78
C TRP A 89 3.03 29.93 -24.35
N GLY A 90 4.06 29.67 -23.55
CA GLY A 90 5.15 28.79 -23.93
C GLY A 90 4.79 27.34 -23.69
N PRO A 91 5.64 26.42 -24.18
CA PRO A 91 5.35 25.00 -23.98
C PRO A 91 5.46 24.67 -22.50
N ARG A 92 4.79 23.61 -22.07
CA ARG A 92 4.77 23.27 -20.66
C ARG A 92 6.14 22.81 -20.19
N THR A 93 6.55 23.31 -19.02
CA THR A 93 7.84 22.98 -18.43
C THR A 93 7.68 22.59 -16.98
N LEU A 94 6.78 21.64 -16.75
CA LEU A 94 6.66 20.97 -15.49
C LEU A 94 6.36 19.52 -15.82
N ASP A 95 7.14 18.64 -15.23
CA ASP A 95 6.88 17.21 -15.31
C ASP A 95 6.71 16.69 -13.91
N LEU A 96 5.55 16.09 -13.64
CA LEU A 96 5.29 15.41 -12.39
C LEU A 96 5.09 13.93 -12.67
N ASP A 97 6.01 13.10 -12.19
CA ASP A 97 5.98 11.66 -12.43
C ASP A 97 5.76 10.91 -11.14
N ILE A 98 4.89 9.92 -11.19
CA ILE A 98 4.70 9.05 -10.05
C ILE A 98 5.73 7.95 -10.13
N MET A 99 6.73 8.04 -9.26
CA MET A 99 7.76 7.03 -9.23
C MET A 99 7.21 5.79 -8.57
N LEU A 100 6.63 5.98 -7.39
CA LEU A 100 6.09 4.90 -6.59
C LEU A 100 4.77 5.32 -5.98
N PHE A 101 3.89 4.35 -5.80
CA PHE A 101 2.64 4.56 -5.09
C PHE A 101 2.50 3.49 -4.04
N GLY A 102 3.01 3.74 -2.84
CA GLY A 102 3.07 2.72 -1.81
C GLY A 102 3.95 1.56 -2.23
N ASN A 103 3.46 0.34 -2.01
CA ASN A 103 4.15 -0.89 -2.46
C ASN A 103 3.43 -1.48 -3.67
N GLU A 104 2.56 -0.67 -4.28
CA GLU A 104 1.72 -1.13 -5.38
C GLU A 104 2.48 -1.23 -6.70
N VAL A 105 2.14 -2.30 -7.43
CA VAL A 105 2.55 -2.50 -8.82
C VAL A 105 1.36 -2.18 -9.71
N ILE A 106 1.57 -1.31 -10.68
CA ILE A 106 0.47 -0.93 -11.56
C ILE A 106 0.92 -0.90 -12.99
N ASN A 107 0.13 -1.56 -13.85
CA ASN A 107 0.36 -1.60 -15.29
C ASN A 107 -0.95 -1.41 -16.01
N THR A 108 -1.19 -0.18 -16.40
CA THR A 108 -2.34 0.13 -17.19
C THR A 108 -1.97 1.07 -18.31
N GLU A 109 -3.00 1.42 -19.05
CA GLU A 109 -2.96 2.33 -20.16
C GLU A 109 -2.42 3.66 -19.65
N ARG A 110 -3.02 4.13 -18.56
CA ARG A 110 -2.68 5.43 -17.99
C ARG A 110 -1.46 5.38 -17.07
N LEU A 111 -1.29 4.26 -16.38
CA LEU A 111 -0.27 4.17 -15.34
C LEU A 111 0.62 2.96 -15.35
N THR A 112 1.92 3.24 -15.24
CA THR A 112 2.95 2.25 -15.01
C THR A 112 3.77 2.60 -13.76
N VAL A 113 3.47 1.93 -12.65
CA VAL A 113 4.21 2.09 -11.40
C VAL A 113 4.83 0.75 -10.95
N PRO A 114 6.10 0.75 -10.50
CA PRO A 114 7.00 1.91 -10.55
C PRO A 114 7.18 2.48 -11.94
N HIS A 115 7.55 3.75 -11.96
CA HIS A 115 7.82 4.45 -13.20
C HIS A 115 8.78 3.60 -14.04
N TYR A 116 8.49 3.50 -15.32
CA TYR A 116 9.07 2.42 -16.11
C TYR A 116 10.60 2.55 -16.29
N ASP A 117 11.14 3.76 -16.37
CA ASP A 117 12.58 3.93 -16.61
C ASP A 117 13.40 4.55 -15.47
N MET A 118 12.81 4.70 -14.29
CA MET A 118 13.48 5.38 -13.21
C MET A 118 14.79 4.67 -12.84
N LYS A 119 14.84 3.35 -13.09
N LYS A 119 14.85 3.35 -13.11
CA LYS A 119 16.02 2.53 -12.77
CA LYS A 119 16.03 2.56 -12.76
C LYS A 119 17.25 2.86 -13.63
C LYS A 119 17.25 2.93 -13.59
N ASN A 120 17.04 3.47 -14.79
CA ASN A 120 18.14 4.00 -15.60
C ASN A 120 18.32 5.51 -15.45
N ARG A 121 17.58 6.14 -14.52
CA ARG A 121 17.60 7.60 -14.39
C ARG A 121 18.17 8.08 -13.07
N GLY A 122 19.41 8.55 -13.13
CA GLY A 122 20.09 9.11 -11.98
C GLY A 122 19.34 10.29 -11.40
N PHE A 123 18.73 11.10 -12.27
CA PHE A 123 18.09 12.34 -11.81
C PHE A 123 16.77 12.06 -11.08
N MET A 124 16.35 10.81 -11.11
CA MET A 124 15.23 10.29 -10.31
C MET A 124 15.71 9.56 -9.08
N LEU A 125 16.79 8.79 -9.21
CA LEU A 125 17.19 7.86 -8.15
C LEU A 125 17.83 8.59 -6.99
N TRP A 126 18.74 9.50 -7.28
CA TRP A 126 19.49 10.20 -6.22
C TRP A 126 18.60 11.08 -5.32
N PRO A 127 17.78 11.95 -5.93
CA PRO A 127 16.89 12.74 -5.08
C PRO A 127 16.01 11.85 -4.20
N LEU A 128 15.52 10.76 -4.76
CA LEU A 128 14.72 9.81 -4.02
C LEU A 128 15.55 9.20 -2.88
N PHE A 129 16.80 8.85 -3.19
CA PHE A 129 17.65 8.21 -2.21
C PHE A 129 17.91 9.14 -1.02
N GLU A 130 17.91 10.44 -1.28
CA GLU A 130 18.08 11.43 -0.22
C GLU A 130 16.94 11.39 0.81
N ILE A 131 15.71 11.16 0.35
CA ILE A 131 14.54 11.22 1.24
C ILE A 131 14.03 9.86 1.67
N ALA A 132 14.44 8.79 0.98
CA ALA A 132 14.09 7.44 1.41
C ALA A 132 15.21 6.43 1.13
N PRO A 133 16.33 6.53 1.86
CA PRO A 133 17.52 5.72 1.49
C PRO A 133 17.36 4.20 1.70
N GLU A 134 16.42 3.79 2.54
CA GLU A 134 16.16 2.38 2.81
C GLU A 134 14.95 1.90 2.02
N LEU A 135 14.53 2.71 1.07
CA LEU A 135 13.42 2.34 0.19
C LEU A 135 13.66 0.98 -0.48
N VAL A 136 12.64 0.13 -0.41
CA VAL A 136 12.60 -1.16 -1.11
C VAL A 136 11.50 -1.15 -2.15
N PHE A 137 11.85 -1.58 -3.36
CA PHE A 137 10.88 -1.68 -4.43
C PHE A 137 9.96 -2.87 -4.23
N PRO A 138 8.76 -2.83 -4.83
CA PRO A 138 7.79 -3.89 -4.58
C PRO A 138 8.31 -5.28 -4.90
N ASP A 139 9.28 -5.42 -5.79
CA ASP A 139 9.82 -6.76 -6.12
C ASP A 139 11.03 -7.11 -5.28
N GLY A 140 11.34 -6.29 -4.28
CA GLY A 140 12.36 -6.66 -3.30
C GLY A 140 13.72 -6.03 -3.56
N GLU A 141 13.89 -5.42 -4.73
CA GLU A 141 15.08 -4.63 -4.99
C GLU A 141 15.14 -3.44 -4.04
N MET A 142 16.36 -3.03 -3.73
CA MET A 142 16.60 -1.87 -2.88
C MET A 142 17.14 -0.70 -3.72
N LEU A 143 16.71 0.51 -3.39
CA LEU A 143 17.16 1.72 -4.09
C LEU A 143 18.67 1.88 -3.92
N ARG A 144 19.14 1.61 -2.71
CA ARG A 144 20.57 1.71 -2.42
C ARG A 144 21.35 0.76 -3.31
N GLN A 145 20.82 -0.45 -3.48
CA GLN A 145 21.50 -1.49 -4.26
C GLN A 145 21.68 -1.02 -5.71
N ILE A 146 20.60 -0.54 -6.30
CA ILE A 146 20.59 -0.06 -7.69
C ILE A 146 21.55 1.11 -7.89
N LEU A 147 21.68 1.97 -6.90
CA LEU A 147 22.66 3.07 -6.96
C LEU A 147 24.07 2.50 -6.84
N HIS A 148 24.20 1.46 -6.03
CA HIS A 148 25.48 0.75 -5.80
C HIS A 148 25.99 0.08 -7.08
N THR A 149 25.12 -0.73 -7.67
CA THR A 149 25.40 -1.54 -8.87
C THR A 149 25.77 -0.73 -10.10
N ARG A 150 25.03 0.35 -10.38
CA ARG A 150 25.26 1.19 -11.57
C ARG A 150 26.27 2.30 -11.31
N ALA A 151 26.44 2.67 -10.04
CA ALA A 151 27.31 3.76 -9.67
C ALA A 151 26.99 5.03 -10.45
N PHE A 152 25.74 5.49 -10.39
CA PHE A 152 25.38 6.74 -11.08
C PHE A 152 26.14 7.91 -10.50
N ASP A 153 26.41 8.93 -11.31
CA ASP A 153 27.08 10.10 -10.79
C ASP A 153 26.13 10.86 -9.88
N LYS A 154 26.67 11.37 -8.79
CA LYS A 154 25.88 12.25 -7.96
C LYS A 154 25.52 13.50 -8.73
N LEU A 155 24.54 14.20 -8.19
CA LEU A 155 24.00 15.39 -8.78
C LEU A 155 24.56 16.63 -8.11
N ASN A 156 24.79 17.68 -8.90
CA ASN A 156 25.05 19.01 -8.35
C ASN A 156 23.73 19.63 -7.93
N LYS A 157 23.74 20.21 -6.74
CA LYS A 157 22.55 20.90 -6.28
C LYS A 157 22.34 22.15 -7.13
N TRP A 158 21.07 22.48 -7.30
CA TRP A 158 20.70 23.67 -8.02
C TRP A 158 21.08 24.91 -7.22
N THR B 1 1.35 -1.31 2.72
CA THR B 1 0.36 -2.34 2.26
C THR B 1 -0.69 -2.56 3.34
N VAL B 2 -1.95 -2.65 2.91
CA VAL B 2 -3.03 -2.97 3.82
C VAL B 2 -3.35 -4.44 3.70
N ALA B 3 -3.12 -5.18 4.77
CA ALA B 3 -3.41 -6.60 4.87
C ALA B 3 -4.70 -6.74 5.65
N TYR B 4 -5.61 -7.56 5.13
CA TYR B 4 -6.83 -7.93 5.84
C TYR B 4 -6.70 -9.34 6.37
N ILE B 5 -7.01 -9.51 7.65
CA ILE B 5 -6.77 -10.76 8.36
C ILE B 5 -8.02 -11.27 9.05
N ALA B 6 -8.31 -12.54 8.85
CA ALA B 6 -9.45 -13.17 9.49
C ALA B 6 -9.01 -13.77 10.83
N ILE B 7 -9.83 -13.57 11.85
CA ILE B 7 -9.57 -14.14 13.15
C ILE B 7 -10.66 -15.14 13.49
N GLY B 8 -10.25 -16.26 14.04
CA GLY B 8 -11.19 -17.28 14.46
C GLY B 8 -10.72 -17.94 15.74
N SER B 9 -11.66 -18.09 16.67
CA SER B 9 -11.44 -18.87 17.88
C SER B 9 -12.70 -19.65 18.23
N ASN B 10 -12.53 -20.94 18.52
CA ASN B 10 -13.67 -21.80 18.87
C ASN B 10 -13.71 -22.16 20.35
N LEU B 11 -12.96 -21.42 21.17
CA LEU B 11 -13.10 -21.56 22.60
C LEU B 11 -14.54 -21.28 23.04
N ALA B 12 -14.95 -21.90 24.14
CA ALA B 12 -16.24 -21.60 24.78
C ALA B 12 -16.27 -20.15 25.23
N SER B 13 -15.08 -19.65 25.59
CA SER B 13 -14.87 -18.25 25.97
C SER B 13 -13.63 -17.70 25.22
N PRO B 14 -13.81 -17.23 23.98
CA PRO B 14 -12.71 -16.77 23.13
C PRO B 14 -12.29 -15.33 23.29
N LEU B 15 -13.05 -14.53 24.04
CA LEU B 15 -12.84 -13.08 24.07
C LEU B 15 -11.46 -12.73 24.55
N GLU B 16 -11.01 -13.40 25.61
CA GLU B 16 -9.66 -13.22 26.15
C GLU B 16 -8.59 -13.65 25.16
N GLN B 17 -8.85 -14.70 24.38
CA GLN B 17 -7.86 -15.17 23.42
C GLN B 17 -7.77 -14.24 22.20
N VAL B 18 -8.93 -13.84 21.69
CA VAL B 18 -8.98 -12.92 20.54
C VAL B 18 -8.31 -11.58 20.90
N ASN B 19 -8.56 -11.10 22.11
CA ASN B 19 -8.02 -9.80 22.53
C ASN B 19 -6.50 -9.88 22.71
N ALA B 20 -6.02 -11.05 23.15
CA ALA B 20 -4.58 -11.30 23.22
C ALA B 20 -4.01 -11.35 21.79
N ALA B 21 -4.79 -11.88 20.86
CA ALA B 21 -4.36 -11.99 19.47
C ALA B 21 -4.31 -10.63 18.78
N LEU B 22 -5.29 -9.79 19.07
CA LEU B 22 -5.34 -8.46 18.48
C LEU B 22 -4.21 -7.59 19.01
N LYS B 23 -3.76 -7.81 20.23
CA LYS B 23 -2.64 -7.03 20.74
C LYS B 23 -1.31 -7.53 20.12
N ALA B 24 -1.12 -8.83 19.96
CA ALA B 24 0.12 -9.32 19.33
C ALA B 24 0.18 -8.87 17.85
N LEU B 25 -0.97 -8.80 17.19
CA LEU B 25 -1.03 -8.26 15.83
C LEU B 25 -0.55 -6.82 15.84
N GLY B 26 -0.91 -6.08 16.89
CA GLY B 26 -0.51 -4.69 17.01
C GLY B 26 0.98 -4.54 17.23
N ASP B 27 1.56 -5.56 17.87
CA ASP B 27 2.98 -5.55 18.25
C ASP B 27 3.86 -6.09 17.15
N ILE B 28 3.27 -6.48 16.02
CA ILE B 28 4.09 -6.94 14.91
C ILE B 28 4.93 -5.77 14.39
N PRO B 29 6.20 -6.02 14.06
CA PRO B 29 7.06 -4.91 13.61
C PRO B 29 6.53 -4.21 12.35
N GLU B 30 6.72 -2.90 12.24
CA GLU B 30 6.32 -2.14 11.05
C GLU B 30 4.87 -2.41 10.68
N SER B 31 4.06 -2.73 11.68
CA SER B 31 2.65 -3.01 11.44
C SER B 31 1.78 -2.55 12.59
N HIS B 32 0.62 -1.99 12.25
CA HIS B 32 -0.38 -1.63 13.24
C HIS B 32 -1.79 -1.73 12.70
N ILE B 33 -2.72 -1.95 13.62
CA ILE B 33 -4.12 -2.09 13.31
C ILE B 33 -4.72 -0.75 12.93
N LEU B 34 -5.36 -0.72 11.76
CA LEU B 34 -6.14 0.44 11.33
C LEU B 34 -7.54 0.30 11.85
N THR B 35 -8.09 -0.91 11.78
CA THR B 35 -9.46 -1.18 12.18
C THR B 35 -9.70 -2.62 12.60
N VAL B 36 -10.71 -2.79 13.43
CA VAL B 36 -11.19 -4.09 13.84
C VAL B 36 -12.70 -4.12 13.57
N SER B 37 -13.17 -5.21 12.98
CA SER B 37 -14.61 -5.43 12.84
C SER B 37 -15.20 -5.76 14.18
N SER B 38 -16.52 -5.85 14.20
CA SER B 38 -17.23 -6.36 15.36
C SER B 38 -16.84 -7.83 15.49
N PHE B 39 -17.08 -8.41 16.67
CA PHE B 39 -16.94 -9.85 16.90
C PHE B 39 -18.27 -10.54 16.71
N TYR B 40 -18.26 -11.64 15.98
CA TYR B 40 -19.45 -12.37 15.60
C TYR B 40 -19.45 -13.82 16.07
N ARG B 41 -20.59 -14.27 16.55
CA ARG B 41 -20.75 -15.66 16.90
C ARG B 41 -21.33 -16.43 15.72
N THR B 42 -20.53 -17.33 15.18
CA THR B 42 -20.88 -18.04 13.97
C THR B 42 -20.98 -19.55 14.17
N PRO B 43 -21.90 -20.21 13.45
CA PRO B 43 -21.95 -21.67 13.51
C PRO B 43 -20.77 -22.27 12.74
N PRO B 44 -20.22 -23.40 13.21
CA PRO B 44 -19.01 -23.87 12.54
C PRO B 44 -19.28 -24.42 11.14
N LEU B 45 -18.57 -23.91 10.14
CA LEU B 45 -18.54 -24.54 8.83
C LEU B 45 -17.86 -25.89 8.95
N GLY B 46 -18.35 -26.86 8.20
CA GLY B 46 -17.92 -28.23 8.37
C GLY B 46 -18.90 -28.96 9.29
N PRO B 47 -18.38 -29.81 10.21
CA PRO B 47 -19.21 -30.50 11.22
C PRO B 47 -19.86 -29.54 12.24
N GLN B 48 -21.02 -29.94 12.79
CA GLN B 48 -21.76 -29.13 13.76
C GLN B 48 -21.53 -29.59 15.20
N ASP B 49 -20.64 -30.55 15.38
CA ASP B 49 -20.40 -31.12 16.70
C ASP B 49 -19.28 -30.37 17.43
N GLN B 50 -18.59 -29.48 16.73
CA GLN B 50 -17.69 -28.54 17.40
C GLN B 50 -18.44 -27.25 17.76
N PRO B 51 -17.88 -26.46 18.69
CA PRO B 51 -18.54 -25.24 19.17
C PRO B 51 -18.56 -24.09 18.18
N ASP B 52 -19.34 -23.07 18.52
CA ASP B 52 -19.43 -21.88 17.70
C ASP B 52 -18.10 -21.15 17.67
N TYR B 53 -17.93 -20.35 16.64
CA TYR B 53 -16.71 -19.58 16.46
C TYR B 53 -16.99 -18.16 16.80
N LEU B 54 -15.98 -17.49 17.33
CA LEU B 54 -15.93 -16.04 17.31
C LEU B 54 -15.10 -15.69 16.10
N ASN B 55 -15.71 -15.02 15.13
CA ASN B 55 -15.02 -14.55 13.94
C ASN B 55 -14.97 -13.03 13.90
N ALA B 56 -13.85 -12.50 13.41
CA ALA B 56 -13.68 -11.07 13.22
C ALA B 56 -12.66 -10.81 12.13
N ALA B 57 -12.62 -9.59 11.64
CA ALA B 57 -11.69 -9.20 10.59
C ALA B 57 -10.86 -8.01 11.07
N VAL B 58 -9.64 -7.90 10.55
CA VAL B 58 -8.74 -6.80 10.89
C VAL B 58 -8.01 -6.23 9.68
N ALA B 59 -8.12 -4.92 9.52
CA ALA B 59 -7.28 -4.19 8.58
C ALA B 59 -5.96 -3.91 9.25
N LEU B 60 -4.89 -4.44 8.68
CA LEU B 60 -3.55 -4.22 9.20
C LEU B 60 -2.67 -3.50 8.20
N GLU B 61 -2.27 -2.29 8.56
CA GLU B 61 -1.22 -1.58 7.87
C GLU B 61 0.11 -2.26 8.17
N THR B 62 0.91 -2.57 7.14
CA THR B 62 2.22 -3.16 7.35
C THR B 62 3.21 -2.85 6.23
N SER B 63 4.48 -2.86 6.58
CA SER B 63 5.54 -2.74 5.57
C SER B 63 6.20 -4.07 5.31
N LEU B 64 5.76 -5.11 6.01
CA LEU B 64 6.36 -6.43 5.88
C LEU B 64 6.00 -7.07 4.55
N ALA B 65 6.88 -7.95 4.09
CA ALA B 65 6.57 -8.86 3.00
C ALA B 65 5.53 -9.89 3.47
N PRO B 66 4.67 -10.37 2.55
CA PRO B 66 3.53 -11.22 2.95
C PRO B 66 3.95 -12.47 3.70
N GLU B 67 5.04 -13.10 3.28
CA GLU B 67 5.53 -14.33 3.91
C GLU B 67 6.11 -14.01 5.28
N GLU B 68 6.62 -12.78 5.46
CA GLU B 68 7.06 -12.32 6.77
C GLU B 68 5.86 -12.16 7.68
N LEU B 69 4.82 -11.50 7.18
CA LEU B 69 3.58 -11.35 7.92
C LEU B 69 3.03 -12.73 8.30
N LEU B 70 3.10 -13.68 7.37
CA LEU B 70 2.62 -15.02 7.64
C LEU B 70 3.40 -15.63 8.82
N ASN B 71 4.72 -15.43 8.80
CA ASN B 71 5.57 -15.97 9.85
C ASN B 71 5.13 -15.46 11.23
N HIS B 72 4.78 -14.18 11.28
CA HIS B 72 4.31 -13.55 12.52
C HIS B 72 2.93 -14.03 12.97
N THR B 73 2.04 -14.29 12.03
CA THR B 73 0.71 -14.78 12.39
C THR B 73 0.83 -16.22 12.88
N GLN B 74 1.75 -16.98 12.31
CA GLN B 74 1.93 -18.36 12.73
C GLN B 74 2.59 -18.41 14.10
N ARG B 75 3.52 -17.49 14.35
CA ARG B 75 4.17 -17.38 15.66
C ARG B 75 3.12 -17.10 16.74
N ILE B 76 2.24 -16.14 16.47
CA ILE B 76 1.19 -15.79 17.42
C ILE B 76 0.26 -16.96 17.68
N GLU B 77 -0.17 -17.67 16.63
CA GLU B 77 -0.98 -18.89 16.80
C GLU B 77 -0.22 -19.92 17.65
N LEU B 78 1.10 -19.91 17.59
CA LEU B 78 1.89 -20.80 18.44
C LEU B 78 1.88 -20.30 19.88
N GLN B 79 2.09 -19.01 20.08
CA GLN B 79 2.26 -18.44 21.42
C GLN B 79 0.94 -18.17 22.14
N GLN B 80 -0.03 -17.59 21.43
CA GLN B 80 -1.30 -17.20 22.04
C GLN B 80 -2.38 -18.21 21.72
N GLY B 81 -2.08 -19.14 20.81
CA GLY B 81 -3.09 -20.02 20.25
C GLY B 81 -3.67 -21.04 21.19
N ARG B 82 -2.85 -21.50 22.14
CA ARG B 82 -3.26 -22.55 23.06
C ARG B 82 -3.45 -22.01 24.48
N VAL B 83 -4.48 -22.50 25.17
CA VAL B 83 -4.67 -22.18 26.57
C VAL B 83 -4.39 -23.37 27.47
N ARG B 84 -4.15 -23.05 28.73
CA ARG B 84 -3.81 -24.00 29.76
C ARG B 84 -5.03 -24.60 30.47
N LYS B 85 -5.23 -25.90 30.32
CA LYS B 85 -6.18 -26.61 31.18
C LYS B 85 -5.38 -27.24 32.34
N ALA B 86 -6.08 -27.78 33.36
CA ALA B 86 -5.47 -28.24 34.63
C ALA B 86 -4.16 -29.01 34.49
N GLU B 87 -4.14 -29.89 33.49
CA GLU B 87 -3.19 -31.02 33.41
C GLU B 87 -2.22 -30.89 32.24
N ARG B 88 -2.63 -30.21 31.19
CA ARG B 88 -1.83 -30.07 29.98
C ARG B 88 -2.25 -28.81 29.24
N TRP B 89 -1.48 -28.43 28.23
CA TRP B 89 -1.96 -27.44 27.29
C TRP B 89 -3.00 -28.06 26.36
N GLY B 90 -4.07 -27.31 26.09
CA GLY B 90 -5.10 -27.75 25.17
C GLY B 90 -4.69 -27.53 23.73
N PRO B 91 -5.54 -27.92 22.77
CA PRO B 91 -5.25 -27.72 21.35
C PRO B 91 -5.32 -26.26 20.98
N ARG B 92 -4.71 -25.89 19.86
CA ARG B 92 -4.74 -24.52 19.39
C ARG B 92 -6.16 -24.14 19.06
N THR B 93 -6.59 -22.99 19.55
CA THR B 93 -7.93 -22.51 19.30
C THR B 93 -7.95 -21.12 18.67
N LEU B 94 -6.79 -20.64 18.20
CA LEU B 94 -6.71 -19.40 17.45
C LEU B 94 -6.32 -19.67 16.01
N ASP B 95 -7.09 -19.12 15.09
CA ASP B 95 -6.73 -19.09 13.69
C ASP B 95 -6.56 -17.66 13.22
N LEU B 96 -5.47 -17.41 12.51
CA LEU B 96 -5.21 -16.13 11.89
C LEU B 96 -4.93 -16.35 10.39
N ASP B 97 -5.91 -15.98 9.58
CA ASP B 97 -5.87 -16.18 8.14
C ASP B 97 -5.67 -14.87 7.41
N ILE B 98 -4.73 -14.86 6.47
CA ILE B 98 -4.57 -13.70 5.61
C ILE B 98 -5.55 -13.84 4.46
N MET B 99 -6.49 -12.90 4.42
CA MET B 99 -7.51 -12.89 3.40
C MET B 99 -7.01 -12.16 2.18
N LEU B 100 -6.54 -10.94 2.39
CA LEU B 100 -5.99 -10.12 1.34
C LEU B 100 -4.70 -9.47 1.81
N PHE B 101 -3.77 -9.30 0.89
CA PHE B 101 -2.55 -8.54 1.18
C PHE B 101 -2.39 -7.47 0.11
N GLY B 102 -2.86 -6.26 0.40
CA GLY B 102 -2.94 -5.22 -0.62
C GLY B 102 -3.76 -5.70 -1.80
N ASN B 103 -3.28 -5.40 -3.01
CA ASN B 103 -3.93 -5.87 -4.25
C ASN B 103 -3.20 -7.09 -4.84
N GLU B 104 -2.30 -7.70 -4.06
CA GLU B 104 -1.47 -8.79 -4.55
C GLU B 104 -2.22 -10.12 -4.70
N VAL B 105 -1.88 -10.85 -5.74
CA VAL B 105 -2.30 -12.23 -5.92
C VAL B 105 -1.10 -13.10 -5.62
N ILE B 106 -1.28 -14.11 -4.79
CA ILE B 106 -0.17 -14.95 -4.37
C ILE B 106 -0.53 -16.42 -4.36
N ASN B 107 0.31 -17.23 -5.01
CA ASN B 107 0.12 -18.67 -5.08
C ASN B 107 1.45 -19.38 -4.88
N THR B 108 1.77 -19.65 -3.64
CA THR B 108 2.98 -20.35 -3.28
C THR B 108 2.62 -21.56 -2.46
N GLU B 109 3.65 -22.24 -1.99
CA GLU B 109 3.48 -23.40 -1.13
C GLU B 109 2.83 -22.94 0.19
N ARG B 110 3.36 -21.87 0.76
CA ARG B 110 2.91 -21.39 2.07
C ARG B 110 1.69 -20.50 1.97
N LEU B 111 1.53 -19.82 0.83
CA LEU B 111 0.55 -18.75 0.73
C LEU B 111 -0.32 -18.75 -0.50
N THR B 112 -1.62 -18.77 -0.25
CA THR B 112 -2.64 -18.56 -1.26
C THR B 112 -3.47 -17.34 -0.89
N VAL B 113 -3.20 -16.24 -1.56
CA VAL B 113 -3.92 -14.98 -1.36
C VAL B 113 -4.42 -14.46 -2.73
N PRO B 114 -5.69 -14.03 -2.81
CA PRO B 114 -6.68 -14.03 -1.73
C PRO B 114 -6.98 -15.42 -1.18
N HIS B 115 -7.56 -15.46 0.01
CA HIS B 115 -7.82 -16.72 0.68
C HIS B 115 -8.60 -17.62 -0.27
N TYR B 116 -8.29 -18.91 -0.25
CA TYR B 116 -8.73 -19.81 -1.30
C TYR B 116 -10.24 -20.10 -1.25
N ASP B 117 -10.84 -20.03 -0.05
CA ASP B 117 -12.25 -20.37 0.12
C ASP B 117 -13.12 -19.24 0.68
N MET B 118 -12.54 -18.06 0.88
CA MET B 118 -13.24 -16.98 1.59
C MET B 118 -14.52 -16.55 0.88
N LYS B 119 -14.57 -16.82 -0.42
CA LYS B 119 -15.74 -16.55 -1.25
C LYS B 119 -16.95 -17.41 -0.89
N ASN B 120 -16.72 -18.58 -0.28
CA ASN B 120 -17.81 -19.43 0.18
C ASN B 120 -18.10 -19.28 1.67
N ARG B 121 -17.36 -18.40 2.33
CA ARG B 121 -17.47 -18.24 3.80
C ARG B 121 -18.07 -16.93 4.23
N GLY B 122 -19.32 -17.01 4.68
CA GLY B 122 -20.01 -15.86 5.22
C GLY B 122 -19.31 -15.31 6.46
N PHE B 123 -18.66 -16.18 7.23
CA PHE B 123 -18.04 -15.72 8.48
C PHE B 123 -16.75 -14.91 8.25
N MET B 124 -16.29 -14.89 7.01
CA MET B 124 -15.13 -14.08 6.61
C MET B 124 -15.59 -12.84 5.87
N LEU B 125 -16.54 -13.03 4.96
CA LEU B 125 -16.99 -11.97 4.05
C LEU B 125 -17.70 -10.85 4.79
N TRP B 126 -18.60 -11.20 5.70
CA TRP B 126 -19.41 -10.19 6.39
C TRP B 126 -18.56 -9.32 7.31
N PRO B 127 -17.73 -9.93 8.18
CA PRO B 127 -16.87 -9.05 8.96
C PRO B 127 -16.03 -8.14 8.07
N LEU B 128 -15.53 -8.67 6.96
CA LEU B 128 -14.73 -7.87 6.04
C LEU B 128 -15.56 -6.71 5.45
N PHE B 129 -16.80 -7.03 5.10
CA PHE B 129 -17.65 -6.06 4.43
C PHE B 129 -17.98 -4.88 5.35
N GLU B 130 -17.98 -5.15 6.66
CA GLU B 130 -18.20 -4.10 7.64
C GLU B 130 -17.05 -3.10 7.69
N ILE B 131 -15.80 -3.56 7.55
CA ILE B 131 -14.64 -2.65 7.61
C ILE B 131 -14.11 -2.21 6.25
N ALA B 132 -14.51 -2.89 5.16
CA ALA B 132 -14.17 -2.43 3.81
C ALA B 132 -15.29 -2.67 2.77
N PRO B 133 -16.42 -1.95 2.90
CA PRO B 133 -17.58 -2.31 2.05
C PRO B 133 -17.34 -2.14 0.54
N GLU B 134 -16.41 -1.27 0.17
CA GLU B 134 -16.13 -0.96 -1.23
C GLU B 134 -14.90 -1.72 -1.69
N LEU B 135 -14.52 -2.73 -0.91
CA LEU B 135 -13.37 -3.52 -1.23
C LEU B 135 -13.58 -4.19 -2.58
N VAL B 136 -12.55 -4.11 -3.43
CA VAL B 136 -12.51 -4.78 -4.72
C VAL B 136 -11.35 -5.78 -4.72
N PHE B 137 -11.61 -6.96 -5.25
CA PHE B 137 -10.59 -8.01 -5.32
C PHE B 137 -9.64 -7.77 -6.48
N PRO B 138 -8.48 -8.45 -6.47
CA PRO B 138 -7.50 -8.25 -7.54
C PRO B 138 -8.01 -8.58 -8.95
N ASP B 139 -8.99 -9.48 -9.08
CA ASP B 139 -9.55 -9.77 -10.41
C ASP B 139 -10.76 -8.88 -10.76
N GLY B 140 -11.07 -7.93 -9.89
CA GLY B 140 -12.06 -6.93 -10.23
C GLY B 140 -13.45 -7.24 -9.69
N GLU B 141 -13.62 -8.41 -9.08
CA GLU B 141 -14.84 -8.69 -8.34
C GLU B 141 -14.89 -7.77 -7.13
N MET B 142 -16.11 -7.43 -6.73
CA MET B 142 -16.35 -6.56 -5.59
CA MET B 142 -16.32 -6.56 -5.58
C MET B 142 -16.85 -7.39 -4.43
N LEU B 143 -16.42 -7.06 -3.21
CA LEU B 143 -16.88 -7.77 -2.02
C LEU B 143 -18.41 -7.66 -1.95
N ARG B 144 -18.93 -6.48 -2.27
CA ARG B 144 -20.39 -6.29 -2.24
C ARG B 144 -21.12 -7.22 -3.22
N GLN B 145 -20.60 -7.36 -4.44
CA GLN B 145 -21.25 -8.19 -5.46
C GLN B 145 -21.39 -9.63 -4.95
N ILE B 146 -20.34 -10.15 -4.34
CA ILE B 146 -20.32 -11.54 -3.87
C ILE B 146 -21.34 -11.77 -2.76
N LEU B 147 -21.45 -10.81 -1.86
CA LEU B 147 -22.44 -10.86 -0.78
C LEU B 147 -23.85 -10.78 -1.37
N HIS B 148 -23.98 -9.98 -2.44
CA HIS B 148 -25.24 -9.76 -3.15
C HIS B 148 -25.74 -11.02 -3.85
N THR B 149 -24.83 -11.67 -4.57
CA THR B 149 -25.11 -12.85 -5.41
C THR B 149 -25.42 -14.12 -4.59
N ARG B 150 -24.60 -14.41 -3.58
CA ARG B 150 -24.81 -15.56 -2.68
C ARG B 150 -25.90 -15.31 -1.63
N ALA B 151 -26.09 -14.05 -1.29
CA ALA B 151 -27.00 -13.64 -0.24
C ALA B 151 -26.78 -14.38 1.09
N PHE B 152 -25.53 -14.45 1.55
CA PHE B 152 -25.22 -15.07 2.84
C PHE B 152 -26.03 -14.44 3.98
N ASP B 153 -26.34 -15.24 5.00
CA ASP B 153 -26.96 -14.72 6.20
C ASP B 153 -26.09 -13.69 6.93
N LYS B 154 -26.69 -12.57 7.31
CA LYS B 154 -26.03 -11.67 8.22
C LYS B 154 -25.69 -12.41 9.51
N LEU B 155 -24.62 -11.99 10.18
CA LEU B 155 -24.10 -12.68 11.35
C LEU B 155 -24.62 -12.07 12.63
N ASN B 156 -24.89 -12.91 13.63
CA ASN B 156 -25.14 -12.45 14.99
C ASN B 156 -23.84 -12.04 15.64
N LYS B 157 -23.88 -10.91 16.33
CA LYS B 157 -22.70 -10.44 17.03
C LYS B 157 -22.44 -11.29 18.26
N TRP B 158 -21.17 -11.41 18.66
CA TRP B 158 -20.85 -12.15 19.87
C TRP B 158 -21.41 -11.45 21.11
N J1I C . 17.84 15.75 -16.54
C J1I C . 13.51 12.29 -20.30
O J1I C . 10.86 14.35 -21.38
P01 J1I C . 8.72 9.47 -19.60
C01 J1I C . 3.03 9.61 -14.62
N01 J1I C . 3.51 8.67 -13.74
O01 J1I C . 2.60 8.84 -19.30
OP3 J1I C . 9.02 8.38 -20.62
N02 J1I C . 2.56 9.46 -15.87
O02 J1I C . -0.80 8.30 -18.52
OP2 J1I C . 10.15 10.23 -19.49
C03 J1I C . 3.01 7.07 -15.45
N03 J1I C . 2.15 7.52 -17.45
O03 J1I C . -0.45 9.92 -20.39
OP1 J1I C . 8.44 9.08 -18.16
C04 J1I C . 3.49 7.37 -14.16
N04 J1I C . 2.91 5.83 -16.09
C05 J1I C . 2.39 6.14 -17.28
N05 J1I C . 3.93 6.33 -13.37
C06 J1I C . 0.58 10.12 -19.47
N06 J1I C . 7.22 11.77 -19.28
C07 J1I C . 0.38 9.01 -18.42
N07 J1I C . 10.24 13.90 -19.24
O07 J1I C . 13.34 15.29 -15.64
C08 J1I C . 1.60 8.09 -18.68
N08 J1I C . 15.52 15.51 -16.10
C09 J1I C . 1.99 9.85 -20.08
N09 J1I C . 16.42 14.98 -18.28
C10 J1I C . 2.93 11.07 -20.06
N10 J1I C . 15.02 14.22 -20.03
C11 J1I C . 5.11 12.00 -18.20
N11 J1I C . 12.80 14.38 -18.32
C12 J1I C . 6.33 11.09 -18.30
C13 J1I C . 8.29 12.54 -18.58
C14 J1I C . 8.83 13.60 -19.56
C15 J1I C . 7.67 10.79 -20.31
C17 J1I C . 16.55 15.40 -17.02
C18 J1I C . 15.14 14.64 -18.71
C19 J1I C . 14.07 14.73 -17.87
C20 J1I C . 14.22 15.17 -16.50
C21 J1I C . 13.68 13.79 -20.53
C22 J1I C . 12.61 14.59 -19.76
C23 J1I C . 11.15 14.26 -20.20
C24 J1I C . 13.68 14.19 -22.03
S J1I C . 3.53 11.14 -18.34
C02 J1I C . 2.56 8.14 -16.26
HN2 J1I C . 18.23 15.28 -15.73
HN3 J1I C . 18.38 16.48 -17.00
HC3 J1I C . 13.84 11.98 -19.30
HC1 J1I C . 14.06 11.67 -21.02
HC2 J1I C . 12.46 11.95 -20.37
H02 J1I C . 3.05 10.65 -14.25
H021 J1I C . -0.78 7.79 -19.33
H031 J1I C . -0.32 10.56 -21.09
H051 J1I C . 2.16 5.42 -18.07
H053 J1I C . 3.61 6.23 -12.43
H052 J1I C . 4.59 5.67 -13.75
H061 J1I C . 0.52 11.13 -18.99
H071 J1I C . 0.33 9.43 -17.38
H072 J1I C . 10.49 13.85 -18.25
H081 J1I C . 1.36 7.23 -19.35
H01 J1I C . 15.70 15.83 -15.16
H091 J1I C . 1.91 9.44 -21.13
H102 J1I C . 2.38 11.99 -20.31
H101 J1I C . 3.75 10.98 -20.78
H103 J1I C . 15.82 13.74 -20.43
H112 J1I C . 5.13 12.83 -18.93
H122 J1I C . 6.77 10.95 -17.27
H121 J1I C . 6.08 10.03 -18.58
H132 J1I C . 9.13 11.86 -18.21
H131 J1I C . 7.85 13.08 -17.69
H142 J1I C . 8.73 13.27 -20.61
H141 J1I C . 8.26 14.56 -19.50
H152 J1I C . 6.75 10.42 -20.81
H151 J1I C . 8.16 11.38 -21.10
H243 J1I C . 13.51 13.34 -22.70
H241 J1I C . 14.61 14.65 -22.36
H242 J1I C . 12.91 14.92 -22.27
HP2 J1I C . 10.48 10.21 -20.40
H111 J1I C . 5.01 12.45 -17.20
N J1I D . -17.84 -20.57 11.78
C J1I D . -13.27 -23.79 8.28
O J1I D . -10.72 -25.23 10.69
P01 J1I D . -8.35 -23.28 5.94
C01 J1I D . -2.88 -18.37 6.23
N01 J1I D . -3.33 -17.42 5.34
O01 J1I D . -2.40 -22.90 5.32
OP3 J1I D . -8.45 -24.21 4.76
N02 J1I D . -2.39 -19.61 6.01
O02 J1I D . 0.98 -22.28 4.65
OP2 J1I D . -9.85 -23.27 6.56
C03 J1I D . -2.79 -19.04 3.64
N03 J1I D . -1.95 -21.07 3.99
O03 J1I D . 0.66 -24.04 6.42
OP1 J1I D . -8.10 -21.80 5.73
C04 J1I D . -3.28 -17.78 4.02
N04 J1I D . -2.66 -19.61 2.38
C05 J1I D . -2.15 -20.82 2.62
N05 J1I D . -3.69 -16.93 3.01
C06 J1I D . -0.36 -23.10 6.55
N06 J1I D . -6.98 -23.11 8.35
C07 J1I D . -0.15 -22.09 5.41
N07 J1I D . -10.08 -23.07 10.28
O07 J1I D . -13.32 -19.54 11.67
C08 J1I D . -1.42 -22.31 4.53
N08 J1I D . -15.52 -20.08 11.72
C09 J1I D . -1.77 -23.72 6.28
N09 J1I D . -16.34 -22.23 10.99
C10 J1I D . -2.65 -23.78 7.52
N10 J1I D . -14.85 -23.89 10.19
C11 J1I D . -4.79 -22.12 8.64
N11 J1I D . -12.67 -22.18 10.61
C12 J1I D . -6.00 -22.17 7.69
C13 J1I D . -8.05 -22.38 9.08
C14 J1I D . -8.64 -23.34 10.13
C15 J1I D . -7.45 -24.09 7.34
C17 J1I D . -16.51 -21.01 11.46
C18 J1I D . -15.02 -22.61 10.69
C19 J1I D . -13.96 -21.74 10.91
C20 J1I D . -14.17 -20.41 11.44
C21 J1I D . -13.51 -24.30 9.71
C22 J1I D . -12.50 -23.64 10.70
C23 J1I D . -11.02 -24.04 10.54
C24 J1I D . -13.53 -25.84 9.82
S J1I D . -3.16 -22.08 7.82
C02 J1I D . -2.36 -19.92 4.67
HN2 J1I D . -17.98 -19.85 12.48
HN3 J1I D . -18.64 -20.96 11.31
HC3 J1I D . -13.60 -22.75 8.15
HC1 J1I D . -13.80 -24.38 7.52
HC2 J1I D . -12.21 -23.79 7.98
H02 J1I D . -2.93 -18.07 7.29
H021 J1I D . 0.92 -23.12 4.19
H031 J1I D . 0.46 -24.74 7.04
H051 J1I D . -1.91 -21.56 1.85
H053 J1I D . -3.93 -15.98 3.19
H052 J1I D . -3.74 -17.30 2.07
H061 J1I D . -0.33 -22.58 7.54
H071 J1I D . -0.03 -21.05 5.78
H072 J1I D . -10.37 -22.09 10.17
H081 J1I D . -1.23 -23.00 3.65
H01 J1I D . -15.74 -19.16 12.08
H091 J1I D . -1.68 -24.73 5.80
H102 J1I D . -2.08 -24.17 8.38
H101 J1I D . -3.50 -24.47 7.38
H103 J1I D . -15.64 -24.28 9.67
H112 J1I D . -4.79 -22.92 9.39
H122 J1I D . -6.39 -21.14 7.53
H121 J1I D . -5.73 -22.47 6.65
H132 J1I D . -8.87 -21.99 8.37
H131 J1I D . -7.62 -21.50 9.63
H142 J1I D . -8.48 -24.41 9.85
H141 J1I D . -8.19 -23.22 11.14
H152 J1I D . -6.56 -24.67 7.02
H151 J1I D . -8.06 -24.83 7.88
H243 J1I D . -13.33 -26.35 8.86
H241 J1I D . -14.48 -26.25 10.18
H242 J1I D . -12.79 -26.24 10.53
HP2 J1I D . -9.96 -24.18 6.88
H111 J1I D . -4.75 -21.16 9.19
#